data_4QD6
#
_entry.id   4QD6
#
_cell.length_a   40.060
_cell.length_b   94.320
_cell.length_c   156.340
_cell.angle_alpha   90.00
_cell.angle_beta   90.00
_cell.angle_gamma   90.00
#
_symmetry.space_group_name_H-M   'P 21 21 21'
#
loop_
_entity.id
_entity.type
_entity.pdbx_description
1 polymer 'Tyrosine-protein kinase ITK/TSK'
2 non-polymer trans-4-({6-[(5-phenyl-1H-pyrazol-3-yl)amino]-4-(phenylsulfonyl)pyridin-2-yl}amino)cyclohexanol
3 water water
#
_entity_poly.entity_id   1
_entity_poly.type   'polypeptide(L)'
_entity_poly.pdbx_seq_one_letter_code
;GSVIDPSELTFVQEIGSGQFGLVHLGYWLNKDKVAIKTIREGAMSEEDFIEEAEVMMKLSHPKLVQLYGVCLEQAPICLV
FEFMEHGCLSDYLRTQRGLFAAETLLGMCLDVCEGMAYLEEACVIHRDLAARNCLVGENQVIKVSDFGMTRFVLDDQETS
STGTKFPVKWASPEVFSFSRYSSKSDVWSFGVLMWEVFSEGKIPYENRSNSEVVEDISTGFRLYKPRLASTHVYQIMNHC
WKERPEDRPAFSRLLRQLAEIAESGL
;
_entity_poly.pdbx_strand_id   A,B
#
loop_
_chem_comp.id
_chem_comp.type
_chem_comp.name
_chem_comp.formula
30T non-polymer trans-4-({6-[(5-phenyl-1H-pyrazol-3-yl)amino]-4-(phenylsulfonyl)pyridin-2-yl}amino)cyclohexanol 'C26 H27 N5 O3 S'
#
# COMPACT_ATOMS: atom_id res chain seq x y z
N GLY A 1 18.46 -12.72 1.19
CA GLY A 1 17.13 -12.76 0.52
C GLY A 1 17.11 -11.77 -0.62
N SER A 2 17.59 -10.56 -0.35
CA SER A 2 17.70 -9.57 -1.42
C SER A 2 19.07 -8.91 -1.39
N VAL A 3 20.06 -9.60 -1.95
CA VAL A 3 21.42 -9.06 -2.10
C VAL A 3 21.50 -8.16 -3.36
N ILE A 4 22.00 -6.92 -3.20
CA ILE A 4 22.09 -5.92 -4.30
C ILE A 4 23.51 -5.81 -4.87
N ASP A 5 23.56 -5.78 -6.20
CA ASP A 5 24.81 -5.63 -6.92
C ASP A 5 25.31 -4.18 -6.84
N PRO A 6 26.55 -4.02 -6.33
CA PRO A 6 27.13 -2.70 -6.11
C PRO A 6 26.98 -1.80 -7.30
N SER A 7 27.08 -2.38 -8.49
CA SER A 7 27.05 -1.65 -9.78
C SER A 7 25.75 -0.89 -10.09
N GLU A 8 24.68 -1.36 -9.47
CA GLU A 8 23.36 -0.71 -9.50
C GLU A 8 23.30 0.47 -8.56
N LEU A 9 24.27 0.55 -7.65
CA LEU A 9 24.28 1.59 -6.64
C LEU A 9 25.13 2.81 -6.94
N THR A 10 24.64 3.99 -6.58
CA THR A 10 25.41 5.19 -6.78
C THR A 10 25.27 6.10 -5.57
N PHE A 11 26.30 6.12 -4.73
CA PHE A 11 26.39 7.06 -3.61
C PHE A 11 26.43 8.46 -4.15
N VAL A 12 25.56 9.31 -3.65
CA VAL A 12 25.54 10.64 -4.17
C VAL A 12 26.16 11.56 -3.18
N GLN A 13 25.94 11.30 -1.89
CA GLN A 13 26.28 12.24 -0.84
C GLN A 13 25.80 11.74 0.48
N GLU A 14 26.54 12.12 1.51
CA GLU A 14 26.38 11.68 2.86
C GLU A 14 25.39 12.60 3.57
N ILE A 15 24.42 12.01 4.27
CA ILE A 15 23.32 12.77 4.89
C ILE A 15 23.32 12.75 6.44
N GLY A 16 24.21 11.96 7.01
CA GLY A 16 24.31 11.85 8.45
C GLY A 16 25.12 10.64 8.76
N SER A 17 25.12 10.28 10.04
CA SER A 17 25.93 9.16 10.56
C SER A 17 25.33 8.56 11.83
N GLY A 18 25.30 7.22 11.91
CA GLY A 18 24.81 6.46 13.08
C GLY A 18 25.89 6.27 14.14
N GLN A 19 26.15 5.03 14.52
CA GLN A 19 27.33 4.72 15.33
C GLN A 19 28.13 3.53 14.79
N PHE A 20 27.56 2.83 13.80
CA PHE A 20 28.28 1.77 13.05
C PHE A 20 28.82 2.25 11.68
N GLY A 21 28.46 3.47 11.29
CA GLY A 21 28.88 4.07 10.01
C GLY A 21 28.10 5.34 9.67
N LEU A 22 28.05 5.68 8.38
CA LEU A 22 27.38 6.91 7.95
C LEU A 22 26.26 6.62 6.98
N VAL A 23 25.46 7.63 6.70
CA VAL A 23 24.34 7.41 5.85
C VAL A 23 24.44 8.27 4.59
N HIS A 24 24.02 7.70 3.47
CA HIS A 24 24.06 8.38 2.18
C HIS A 24 22.74 8.39 1.43
N LEU A 25 22.46 9.50 0.78
CA LEU A 25 21.63 9.50 -0.40
C LEU A 25 22.43 8.77 -1.49
N GLY A 26 21.74 7.90 -2.23
CA GLY A 26 22.25 7.41 -3.49
C GLY A 26 21.08 7.13 -4.41
N TYR A 27 21.36 6.61 -5.60
CA TYR A 27 20.34 6.17 -6.51
C TYR A 27 20.49 4.67 -6.63
N TRP A 28 19.48 4.03 -7.19
CA TRP A 28 19.51 2.60 -7.36
C TRP A 28 18.82 2.39 -8.69
N LEU A 29 19.55 1.77 -9.62
CA LEU A 29 19.03 1.51 -10.95
C LEU A 29 18.43 0.12 -10.93
N ASN A 30 17.11 0.08 -11.02
CA ASN A 30 16.32 -1.07 -10.57
C ASN A 30 16.15 -2.21 -11.58
N LYS A 31 15.69 -1.89 -12.79
CA LYS A 31 15.25 -2.91 -13.77
C LYS A 31 13.87 -3.47 -13.41
N ASP A 32 12.87 -2.61 -13.49
CA ASP A 32 11.48 -3.00 -13.29
C ASP A 32 10.90 -3.65 -14.55
N LYS A 33 10.28 -4.82 -14.39
CA LYS A 33 9.55 -5.43 -15.47
C LYS A 33 8.30 -4.54 -15.78
N VAL A 34 8.03 -4.30 -17.05
CA VAL A 34 6.91 -3.48 -17.47
C VAL A 34 6.24 -4.02 -18.72
N ALA A 35 5.02 -3.54 -18.94
CA ALA A 35 4.25 -3.90 -20.10
C ALA A 35 4.19 -2.58 -20.83
N ILE A 36 4.47 -2.64 -22.13
CA ILE A 36 4.59 -1.46 -22.92
C ILE A 36 3.54 -1.55 -23.98
N LYS A 37 2.65 -0.57 -23.98
CA LYS A 37 1.52 -0.52 -24.89
C LYS A 37 1.77 0.53 -25.98
N THR A 38 2.12 0.02 -27.16
CA THR A 38 2.44 0.83 -28.35
C THR A 38 1.15 1.39 -29.00
N ILE A 39 1.26 2.47 -29.79
CA ILE A 39 0.10 3.12 -30.42
C ILE A 39 0.15 3.37 -31.96
N SER A 45 -5.33 9.30 -30.69
CA SER A 45 -5.48 10.72 -30.96
C SER A 45 -4.14 11.46 -30.99
N GLU A 46 -4.08 12.61 -30.32
CA GLU A 46 -2.96 13.55 -30.40
C GLU A 46 -2.18 13.66 -29.09
N GLU A 47 -1.81 14.89 -28.71
CA GLU A 47 -1.10 15.18 -27.48
C GLU A 47 -2.04 15.47 -26.28
N ASP A 48 -3.35 15.61 -26.55
CA ASP A 48 -4.36 15.72 -25.49
C ASP A 48 -4.36 14.44 -24.61
N PHE A 49 -3.78 13.38 -25.16
CA PHE A 49 -3.68 12.09 -24.49
C PHE A 49 -2.62 12.07 -23.37
N ILE A 50 -1.68 13.02 -23.40
CA ILE A 50 -0.74 13.16 -22.26
C ILE A 50 -1.40 13.78 -21.01
N GLU A 51 -2.60 14.35 -21.20
CA GLU A 51 -3.47 14.72 -20.09
C GLU A 51 -4.26 13.49 -19.66
N GLU A 52 -4.82 12.76 -20.63
CA GLU A 52 -5.43 11.45 -20.40
C GLU A 52 -4.59 10.58 -19.46
N ALA A 53 -3.29 10.50 -19.75
CA ALA A 53 -2.32 9.70 -18.99
C ALA A 53 -2.11 10.23 -17.57
N GLU A 54 -2.55 11.46 -17.30
CA GLU A 54 -2.41 12.05 -15.96
C GLU A 54 -3.60 11.71 -15.05
N VAL A 55 -4.81 11.66 -15.63
CA VAL A 55 -5.98 11.21 -14.86
C VAL A 55 -5.84 9.72 -14.55
N MET A 56 -5.40 8.94 -15.54
CA MET A 56 -5.02 7.54 -15.34
C MET A 56 -3.99 7.35 -14.22
N MET A 57 -3.03 8.27 -14.13
CA MET A 57 -1.94 8.14 -13.17
C MET A 57 -2.28 8.50 -11.74
N LYS A 58 -3.31 9.34 -11.57
CA LYS A 58 -3.84 9.66 -10.23
C LYS A 58 -4.66 8.49 -9.66
N LEU A 59 -5.11 7.60 -10.54
CA LEU A 59 -5.89 6.43 -10.19
C LEU A 59 -5.02 5.29 -9.68
N SER A 60 -4.62 5.40 -8.42
CA SER A 60 -3.72 4.39 -7.88
C SER A 60 -4.42 3.56 -6.82
N HIS A 61 -4.41 2.25 -6.98
CA HIS A 61 -5.02 1.35 -5.99
C HIS A 61 -4.34 0.01 -6.09
N PRO A 62 -4.28 -0.74 -5.00
CA PRO A 62 -3.51 -1.99 -5.22
C PRO A 62 -4.12 -2.98 -6.20
N LYS A 63 -5.32 -2.73 -6.70
CA LYS A 63 -6.06 -3.72 -7.53
C LYS A 63 -6.38 -3.11 -8.89
N LEU A 64 -5.68 -2.05 -9.20
CA LEU A 64 -5.77 -1.50 -10.52
C LEU A 64 -4.37 -1.52 -11.05
N VAL A 65 -4.27 -1.97 -12.28
CA VAL A 65 -3.02 -2.06 -12.95
C VAL A 65 -2.47 -0.61 -13.03
N GLN A 66 -1.28 -0.39 -12.47
CA GLN A 66 -0.77 0.97 -12.40
C GLN A 66 -0.11 1.43 -13.72
N LEU A 67 -0.37 2.69 -14.06
CA LEU A 67 0.25 3.38 -15.19
C LEU A 67 1.52 4.07 -14.71
N TYR A 68 2.67 3.57 -15.11
CA TYR A 68 3.93 4.20 -14.71
C TYR A 68 4.29 5.49 -15.45
N GLY A 69 3.93 5.63 -16.70
CA GLY A 69 4.28 6.80 -17.47
C GLY A 69 4.02 6.74 -18.96
N VAL A 70 4.64 7.70 -19.66
CA VAL A 70 4.50 7.81 -21.09
C VAL A 70 5.83 7.97 -21.80
N CYS A 71 5.90 7.43 -23.01
CA CYS A 71 7.06 7.59 -23.87
C CYS A 71 6.69 8.24 -25.21
N LEU A 72 7.26 9.42 -25.47
CA LEU A 72 6.95 10.12 -26.72
C LEU A 72 8.12 10.58 -27.62
N GLU A 73 9.37 10.57 -27.12
CA GLU A 73 10.55 10.87 -27.96
C GLU A 73 10.58 9.97 -29.17
N GLN A 74 10.63 8.67 -28.92
CA GLN A 74 10.63 7.64 -29.95
C GLN A 74 9.41 7.78 -30.83
N ALA A 75 9.45 7.12 -31.99
CA ALA A 75 8.24 6.84 -32.74
C ALA A 75 7.40 5.96 -31.79
N PRO A 76 6.94 4.77 -32.23
CA PRO A 76 6.03 4.03 -31.38
C PRO A 76 5.66 4.69 -30.02
N ILE A 77 4.76 5.67 -30.09
CA ILE A 77 4.24 6.38 -28.92
C ILE A 77 3.64 5.36 -27.97
N CYS A 78 4.23 5.22 -26.78
CA CYS A 78 3.79 4.17 -25.87
C CYS A 78 3.47 4.61 -24.43
N LEU A 79 2.57 3.83 -23.81
CA LEU A 79 2.31 3.87 -22.38
C LEU A 79 3.16 2.78 -21.71
N VAL A 80 3.54 3.02 -20.45
CA VAL A 80 4.31 2.03 -19.67
C VAL A 80 3.47 1.65 -18.45
N PHE A 81 3.28 0.34 -18.25
CA PHE A 81 2.36 -0.19 -17.25
C PHE A 81 3.07 -1.22 -16.42
N GLU A 82 2.72 -1.27 -15.14
CA GLU A 82 3.01 -2.38 -14.28
C GLU A 82 2.98 -3.65 -15.10
N PHE A 83 3.94 -4.52 -14.86
CA PHE A 83 3.90 -5.80 -15.57
C PHE A 83 3.20 -6.83 -14.71
N MET A 84 2.27 -7.54 -15.29
CA MET A 84 1.47 -8.52 -14.57
C MET A 84 1.86 -9.93 -14.96
N GLU A 85 2.51 -10.60 -14.02
CA GLU A 85 3.07 -11.94 -14.12
C GLU A 85 2.44 -12.91 -15.11
N HIS A 86 1.19 -13.31 -14.84
CA HIS A 86 0.51 -14.43 -15.51
C HIS A 86 -0.58 -14.03 -16.49
N GLY A 87 -0.63 -12.75 -16.86
CA GLY A 87 -1.52 -12.32 -17.96
C GLY A 87 -3.00 -12.52 -17.67
N CYS A 88 -3.83 -12.52 -18.69
CA CYS A 88 -5.22 -12.23 -18.50
C CYS A 88 -6.05 -13.33 -17.82
N LEU A 89 -6.89 -12.89 -16.90
CA LEU A 89 -7.62 -13.78 -16.03
C LEU A 89 -8.48 -14.78 -16.79
N SER A 90 -9.08 -14.41 -17.92
CA SER A 90 -9.85 -15.39 -18.68
C SER A 90 -8.98 -16.58 -19.08
N ASP A 91 -7.95 -16.32 -19.89
CA ASP A 91 -6.97 -17.36 -20.23
C ASP A 91 -6.44 -18.10 -19.02
N TYR A 92 -6.25 -17.42 -17.91
CA TYR A 92 -5.72 -18.06 -16.71
C TYR A 92 -6.72 -19.07 -16.13
N LEU A 93 -7.92 -18.60 -15.89
CA LEU A 93 -8.99 -19.46 -15.41
C LEU A 93 -9.09 -20.70 -16.28
N ARG A 94 -8.89 -20.50 -17.58
CA ARG A 94 -9.17 -21.50 -18.60
C ARG A 94 -8.04 -22.51 -18.78
N THR A 95 -6.79 -22.09 -18.61
CA THR A 95 -5.72 -23.06 -18.75
C THR A 95 -5.48 -23.80 -17.48
N GLN A 96 -6.09 -23.33 -16.41
CA GLN A 96 -5.88 -23.91 -15.11
C GLN A 96 -7.19 -24.56 -14.64
N ARG A 97 -8.14 -24.72 -15.55
CA ARG A 97 -9.43 -25.33 -15.22
C ARG A 97 -9.33 -26.64 -14.47
N GLY A 98 -10.17 -26.81 -13.46
CA GLY A 98 -10.14 -28.03 -12.65
C GLY A 98 -9.21 -27.97 -11.43
N LEU A 99 -8.35 -26.97 -11.36
CA LEU A 99 -7.49 -26.85 -10.20
C LEU A 99 -7.86 -25.75 -9.18
N PHE A 100 -9.02 -25.11 -9.31
CA PHE A 100 -9.34 -24.03 -8.35
C PHE A 100 -10.21 -24.45 -7.18
N ALA A 101 -9.85 -23.96 -6.01
CA ALA A 101 -10.74 -24.00 -4.88
C ALA A 101 -11.80 -22.84 -5.01
N ALA A 102 -12.98 -23.00 -4.43
CA ALA A 102 -14.06 -22.04 -4.49
C ALA A 102 -13.59 -20.71 -3.90
N GLU A 103 -13.06 -20.83 -2.69
CA GLU A 103 -12.45 -19.77 -1.95
C GLU A 103 -11.53 -18.92 -2.81
N THR A 104 -10.78 -19.57 -3.69
CA THR A 104 -9.83 -18.85 -4.58
C THR A 104 -10.65 -18.04 -5.56
N LEU A 105 -11.60 -18.71 -6.21
CA LEU A 105 -12.51 -18.05 -7.14
C LEU A 105 -13.25 -16.87 -6.48
N LEU A 106 -13.84 -17.07 -5.29
CA LEU A 106 -14.32 -15.89 -4.52
C LEU A 106 -13.26 -14.77 -4.36
N GLY A 107 -12.07 -15.11 -3.92
CA GLY A 107 -11.00 -14.09 -3.77
C GLY A 107 -10.58 -13.32 -5.00
N MET A 108 -10.65 -13.95 -6.17
CA MET A 108 -10.45 -13.21 -7.40
C MET A 108 -11.60 -12.21 -7.61
N CYS A 109 -12.81 -12.62 -7.27
CA CYS A 109 -13.94 -11.76 -7.49
C CYS A 109 -13.82 -10.54 -6.61
N LEU A 110 -13.46 -10.79 -5.35
CA LEU A 110 -13.17 -9.75 -4.35
C LEU A 110 -12.12 -8.70 -4.82
N ASP A 111 -10.96 -9.17 -5.30
CA ASP A 111 -9.95 -8.29 -5.85
C ASP A 111 -10.61 -7.37 -6.89
N VAL A 112 -11.34 -7.94 -7.84
CA VAL A 112 -11.95 -7.10 -8.84
C VAL A 112 -12.85 -6.09 -8.20
N CYS A 113 -13.65 -6.53 -7.27
CA CYS A 113 -14.66 -5.67 -6.65
C CYS A 113 -14.05 -4.50 -5.89
N GLU A 114 -12.95 -4.76 -5.19
CA GLU A 114 -12.14 -3.72 -4.51
C GLU A 114 -11.68 -2.66 -5.49
N GLY A 115 -11.02 -3.09 -6.58
CA GLY A 115 -10.57 -2.18 -7.66
C GLY A 115 -11.77 -1.42 -8.20
N MET A 116 -12.87 -2.14 -8.50
CA MET A 116 -14.06 -1.46 -9.03
C MET A 116 -14.68 -0.52 -8.00
N ALA A 117 -14.66 -0.88 -6.71
CA ALA A 117 -15.30 0.05 -5.76
C ALA A 117 -14.59 1.39 -5.82
N TYR A 118 -13.26 1.33 -6.00
CA TYR A 118 -12.41 2.50 -6.10
C TYR A 118 -12.69 3.31 -7.39
N LEU A 119 -12.79 2.64 -8.54
CA LEU A 119 -13.25 3.34 -9.71
C LEU A 119 -14.61 3.99 -9.48
N GLU A 120 -15.51 3.34 -8.75
CA GLU A 120 -16.84 3.86 -8.58
C GLU A 120 -16.76 5.17 -7.80
N GLU A 121 -15.95 5.14 -6.73
CA GLU A 121 -15.74 6.24 -5.83
C GLU A 121 -15.14 7.44 -6.57
N ALA A 122 -14.12 7.20 -7.39
CA ALA A 122 -13.55 8.22 -8.26
C ALA A 122 -14.52 8.60 -9.39
N CYS A 123 -15.64 7.91 -9.54
CA CYS A 123 -16.56 8.23 -10.66
C CYS A 123 -15.96 7.94 -12.04
N VAL A 124 -15.11 6.92 -12.11
CA VAL A 124 -14.66 6.38 -13.40
C VAL A 124 -15.55 5.16 -13.81
N ILE A 125 -16.15 5.25 -14.99
CA ILE A 125 -16.94 4.17 -15.52
C ILE A 125 -16.04 3.32 -16.42
N HIS A 126 -15.88 2.04 -16.06
CA HIS A 126 -14.98 1.17 -16.79
C HIS A 126 -15.46 0.98 -18.21
N ARG A 127 -16.68 0.44 -18.35
CA ARG A 127 -17.41 0.32 -19.63
C ARG A 127 -17.25 -1.01 -20.35
N ASP A 128 -16.09 -1.65 -20.15
CA ASP A 128 -15.77 -2.92 -20.77
C ASP A 128 -15.20 -3.86 -19.72
N LEU A 129 -15.87 -4.01 -18.60
CA LEU A 129 -15.29 -4.90 -17.60
C LEU A 129 -15.70 -6.31 -18.00
N ALA A 130 -14.75 -7.23 -17.89
CA ALA A 130 -14.96 -8.63 -18.23
C ALA A 130 -13.64 -9.26 -17.95
N ALA A 131 -13.54 -10.58 -17.80
CA ALA A 131 -12.28 -11.20 -17.31
C ALA A 131 -11.06 -11.05 -18.27
N ARG A 132 -11.32 -10.95 -19.56
CA ARG A 132 -10.25 -10.72 -20.53
C ARG A 132 -9.58 -9.34 -20.29
N ASN A 133 -10.20 -8.47 -19.49
CA ASN A 133 -9.61 -7.18 -19.17
C ASN A 133 -9.04 -7.14 -17.76
N CYS A 134 -8.84 -8.30 -17.14
CA CYS A 134 -8.23 -8.40 -15.82
C CYS A 134 -7.00 -9.22 -15.93
N LEU A 135 -5.98 -8.85 -15.17
CA LEU A 135 -4.68 -9.51 -15.28
C LEU A 135 -4.41 -10.13 -13.93
N VAL A 136 -3.71 -11.24 -13.94
CA VAL A 136 -3.24 -11.94 -12.73
C VAL A 136 -1.73 -11.68 -12.46
N GLY A 137 -1.43 -11.36 -11.20
CA GLY A 137 -0.10 -10.97 -10.75
C GLY A 137 0.44 -11.94 -9.75
N GLU A 138 1.35 -11.46 -8.94
CA GLU A 138 2.03 -12.20 -7.91
C GLU A 138 1.04 -12.85 -6.94
N ASN A 139 1.03 -14.19 -6.88
CA ASN A 139 0.14 -14.96 -5.96
C ASN A 139 -1.35 -14.92 -6.34
N GLN A 140 -1.62 -14.92 -7.64
CA GLN A 140 -3.00 -14.83 -8.17
C GLN A 140 -3.77 -13.57 -7.74
N VAL A 141 -3.05 -12.50 -7.38
CA VAL A 141 -3.75 -11.25 -7.18
C VAL A 141 -4.30 -10.83 -8.53
N ILE A 142 -5.53 -10.33 -8.54
CA ILE A 142 -6.16 -9.92 -9.79
C ILE A 142 -6.29 -8.40 -9.86
N LYS A 143 -5.91 -7.80 -10.97
CA LYS A 143 -6.01 -6.36 -11.11
C LYS A 143 -6.83 -5.98 -12.30
N VAL A 144 -7.59 -4.92 -12.15
CA VAL A 144 -8.49 -4.48 -13.22
C VAL A 144 -7.60 -3.71 -14.16
N SER A 145 -7.80 -3.91 -15.46
CA SER A 145 -7.07 -3.06 -16.37
C SER A 145 -7.96 -2.47 -17.46
N ASP A 146 -7.35 -1.73 -18.37
CA ASP A 146 -8.03 -1.08 -19.47
C ASP A 146 -9.25 -0.25 -19.07
N PHE A 147 -9.09 0.43 -17.94
CA PHE A 147 -10.01 1.47 -17.52
C PHE A 147 -9.56 2.79 -18.14
N GLY A 148 -8.29 2.83 -18.56
CA GLY A 148 -7.73 3.96 -19.31
C GLY A 148 -8.46 4.37 -20.59
N MET A 149 -8.14 3.70 -21.71
CA MET A 149 -8.80 3.92 -23.02
C MET A 149 -8.62 5.37 -23.57
N THR A 150 -9.40 5.82 -24.58
CA THR A 150 -10.43 5.05 -25.32
C THR A 150 -9.88 4.45 -26.61
N PRO A 167 -19.54 -7.66 -27.26
CA PRO A 167 -19.76 -6.64 -26.25
C PRO A 167 -21.08 -6.91 -25.49
N VAL A 168 -22.06 -7.45 -26.21
CA VAL A 168 -23.40 -7.74 -25.70
C VAL A 168 -23.41 -8.71 -24.47
N LYS A 169 -22.45 -9.63 -24.40
CA LYS A 169 -22.50 -10.66 -23.34
C LYS A 169 -22.40 -10.03 -21.94
N TRP A 170 -21.81 -8.81 -21.90
CA TRP A 170 -21.46 -8.11 -20.67
C TRP A 170 -22.21 -6.80 -20.49
N ALA A 171 -23.27 -6.60 -21.28
CA ALA A 171 -23.96 -5.33 -21.33
C ALA A 171 -25.21 -5.30 -20.51
N SER A 172 -25.46 -4.20 -19.79
CA SER A 172 -26.76 -4.15 -19.13
C SER A 172 -27.83 -3.91 -20.25
N PRO A 173 -29.12 -4.21 -19.99
CA PRO A 173 -30.18 -3.79 -20.91
C PRO A 173 -30.07 -2.28 -21.33
N GLU A 174 -29.97 -1.34 -20.37
CA GLU A 174 -29.71 0.09 -20.66
C GLU A 174 -28.47 0.35 -21.50
N VAL A 175 -27.68 -0.68 -21.83
CA VAL A 175 -26.48 -0.40 -22.60
C VAL A 175 -26.69 -0.84 -24.03
N PHE A 176 -27.38 -1.96 -24.26
CA PHE A 176 -27.72 -2.30 -25.65
C PHE A 176 -28.95 -1.52 -26.15
N SER A 177 -29.96 -1.39 -25.28
CA SER A 177 -31.11 -0.50 -25.44
C SER A 177 -30.88 1.03 -25.63
N PHE A 178 -30.42 1.75 -24.60
CA PHE A 178 -30.35 3.24 -24.67
C PHE A 178 -28.97 3.80 -24.39
N SER A 179 -27.93 3.08 -24.82
CA SER A 179 -26.49 3.26 -24.41
C SER A 179 -26.06 4.00 -23.11
N ARG A 180 -26.87 3.90 -22.06
CA ARG A 180 -26.57 4.54 -20.77
C ARG A 180 -25.55 3.76 -19.88
N TYR A 181 -24.29 4.18 -19.93
CA TYR A 181 -23.22 3.67 -19.08
C TYR A 181 -23.13 4.26 -17.68
N SER A 182 -22.70 3.47 -16.70
CA SER A 182 -22.54 3.95 -15.34
C SER A 182 -21.96 2.81 -14.47
N SER A 183 -21.73 3.11 -13.20
CA SER A 183 -21.16 2.10 -12.33
C SER A 183 -22.17 0.97 -12.16
N LYS A 184 -23.45 1.33 -11.98
CA LYS A 184 -24.52 0.31 -12.06
C LYS A 184 -24.47 -0.53 -13.34
N SER A 185 -24.14 0.07 -14.49
CA SER A 185 -23.97 -0.82 -15.65
C SER A 185 -22.67 -1.71 -15.59
N ASP A 186 -21.60 -1.20 -14.96
CA ASP A 186 -20.38 -1.97 -14.60
C ASP A 186 -20.73 -3.12 -13.62
N VAL A 187 -21.70 -2.88 -12.74
CA VAL A 187 -22.15 -3.92 -11.89
C VAL A 187 -22.70 -5.11 -12.68
N TRP A 188 -23.53 -4.84 -13.68
CA TRP A 188 -23.95 -5.94 -14.56
C TRP A 188 -22.71 -6.65 -15.13
N SER A 189 -21.70 -5.93 -15.66
CA SER A 189 -20.53 -6.66 -16.19
C SER A 189 -19.81 -7.49 -15.11
N PHE A 190 -19.87 -7.01 -13.87
CA PHE A 190 -19.18 -7.64 -12.79
C PHE A 190 -19.94 -8.92 -12.47
N GLY A 191 -21.28 -8.86 -12.57
CA GLY A 191 -22.08 -10.10 -12.39
C GLY A 191 -21.65 -11.12 -13.43
N VAL A 192 -21.52 -10.68 -14.68
CA VAL A 192 -21.05 -11.60 -15.70
C VAL A 192 -19.64 -12.10 -15.44
N LEU A 193 -18.75 -11.20 -15.00
CA LEU A 193 -17.37 -11.57 -14.62
C LEU A 193 -17.35 -12.69 -13.52
N MET A 194 -18.17 -12.50 -12.49
CA MET A 194 -18.29 -13.46 -11.45
C MET A 194 -18.66 -14.80 -12.03
N TRP A 195 -19.70 -14.82 -12.87
CA TRP A 195 -20.09 -16.04 -13.59
C TRP A 195 -18.88 -16.59 -14.35
N GLU A 196 -18.14 -15.73 -15.05
CA GLU A 196 -16.92 -16.21 -15.72
C GLU A 196 -15.93 -16.90 -14.80
N VAL A 197 -15.77 -16.36 -13.59
CA VAL A 197 -14.73 -16.82 -12.69
C VAL A 197 -15.17 -18.21 -12.15
N PHE A 198 -16.28 -18.26 -11.43
CA PHE A 198 -16.74 -19.51 -10.92
C PHE A 198 -17.05 -20.61 -11.93
N SER A 199 -17.23 -20.24 -13.18
CA SER A 199 -17.40 -21.25 -14.19
C SER A 199 -16.04 -21.51 -14.84
N GLU A 200 -14.98 -20.97 -14.26
CA GLU A 200 -13.60 -21.25 -14.67
C GLU A 200 -13.25 -20.87 -16.09
N GLY A 201 -13.82 -19.75 -16.57
CA GLY A 201 -13.48 -19.23 -17.89
C GLY A 201 -14.35 -19.69 -19.05
N LYS A 202 -15.53 -20.25 -18.77
CA LYS A 202 -16.44 -20.61 -19.88
C LYS A 202 -17.09 -19.37 -20.51
N ILE A 203 -17.35 -19.40 -21.80
CA ILE A 203 -17.96 -18.29 -22.49
C ILE A 203 -19.49 -18.20 -22.18
N PRO A 204 -19.97 -17.01 -21.72
CA PRO A 204 -21.38 -16.84 -21.37
C PRO A 204 -22.29 -16.69 -22.58
N TYR A 205 -23.53 -17.17 -22.45
CA TYR A 205 -24.46 -17.23 -23.58
C TYR A 205 -23.62 -17.81 -24.72
N GLU A 206 -23.03 -18.99 -24.50
CA GLU A 206 -21.97 -19.48 -25.40
C GLU A 206 -22.43 -19.60 -26.84
N ASN A 207 -23.63 -20.12 -27.07
CA ASN A 207 -24.05 -20.27 -28.45
C ASN A 207 -24.97 -19.19 -28.99
N ARG A 208 -25.61 -18.47 -28.08
CA ARG A 208 -26.57 -17.45 -28.44
C ARG A 208 -25.98 -16.35 -29.34
N SER A 209 -26.83 -15.76 -30.15
CA SER A 209 -26.49 -14.61 -30.98
C SER A 209 -26.87 -13.32 -30.24
N ASN A 210 -26.50 -12.18 -30.79
CA ASN A 210 -26.70 -10.90 -30.11
C ASN A 210 -28.16 -10.58 -29.84
N SER A 211 -29.02 -10.86 -30.81
CA SER A 211 -30.46 -10.58 -30.64
C SER A 211 -31.10 -11.56 -29.67
N GLU A 212 -30.73 -12.83 -29.79
CA GLU A 212 -31.13 -13.85 -28.82
C GLU A 212 -30.78 -13.47 -27.39
N VAL A 213 -29.59 -12.88 -27.17
CA VAL A 213 -29.23 -12.43 -25.84
C VAL A 213 -30.15 -11.30 -25.40
N VAL A 214 -30.28 -10.28 -26.25
CA VAL A 214 -31.19 -9.18 -26.01
C VAL A 214 -32.57 -9.74 -25.67
N GLU A 215 -33.07 -10.64 -26.52
CA GLU A 215 -34.40 -11.20 -26.26
C GLU A 215 -34.50 -12.00 -24.94
N ASP A 216 -33.62 -12.99 -24.77
CA ASP A 216 -33.59 -13.77 -23.49
C ASP A 216 -33.46 -12.89 -22.25
N ILE A 217 -32.51 -11.93 -22.26
CA ILE A 217 -32.36 -11.11 -21.08
C ILE A 217 -33.61 -10.27 -20.94
N SER A 218 -34.10 -9.73 -22.04
CA SER A 218 -35.39 -9.03 -21.98
C SER A 218 -36.58 -9.86 -21.40
N THR A 219 -36.60 -11.18 -21.64
CA THR A 219 -37.65 -12.04 -21.09
C THR A 219 -37.40 -12.54 -19.65
N GLY A 220 -36.29 -12.13 -19.03
CA GLY A 220 -35.95 -12.50 -17.63
C GLY A 220 -35.00 -13.67 -17.42
N PHE A 221 -34.51 -14.27 -18.51
CA PHE A 221 -33.50 -15.34 -18.47
C PHE A 221 -32.18 -14.76 -18.04
N ARG A 222 -31.52 -15.49 -17.15
CA ARG A 222 -30.17 -15.26 -16.61
C ARG A 222 -29.31 -16.47 -16.83
N LEU A 223 -28.01 -16.26 -16.75
CA LEU A 223 -27.01 -17.29 -16.86
C LEU A 223 -27.19 -18.27 -15.72
N TYR A 224 -26.99 -19.55 -15.99
CA TYR A 224 -27.24 -20.58 -14.98
C TYR A 224 -26.16 -20.46 -13.89
N LYS A 225 -26.46 -20.91 -12.67
CA LYS A 225 -25.47 -21.06 -11.58
C LYS A 225 -24.37 -22.06 -11.88
N PRO A 226 -23.09 -21.63 -11.80
CA PRO A 226 -21.99 -22.58 -12.03
C PRO A 226 -21.86 -23.55 -10.85
N ARG A 227 -21.36 -24.77 -11.05
CA ARG A 227 -21.33 -25.73 -9.91
C ARG A 227 -20.50 -25.21 -8.74
N LEU A 228 -19.35 -24.63 -9.06
CA LEU A 228 -18.43 -24.12 -8.05
C LEU A 228 -18.93 -22.86 -7.35
N ALA A 229 -20.01 -22.26 -7.83
CA ALA A 229 -20.56 -21.13 -7.08
C ALA A 229 -21.71 -21.54 -6.14
N SER A 230 -21.55 -21.22 -4.86
CA SER A 230 -22.57 -21.40 -3.81
C SER A 230 -23.84 -20.64 -4.15
N THR A 231 -24.97 -21.01 -3.53
CA THR A 231 -26.26 -20.47 -3.95
C THR A 231 -26.31 -19.00 -3.58
N HIS A 232 -25.57 -18.72 -2.52
CA HIS A 232 -25.40 -17.42 -1.96
C HIS A 232 -24.72 -16.48 -2.97
N VAL A 233 -23.60 -16.97 -3.49
CA VAL A 233 -22.85 -16.30 -4.52
C VAL A 233 -23.75 -16.14 -5.74
N TYR A 234 -24.58 -17.15 -6.02
CA TYR A 234 -25.54 -17.07 -7.13
C TYR A 234 -26.53 -15.95 -6.92
N GLN A 235 -27.00 -15.75 -5.69
CA GLN A 235 -27.87 -14.64 -5.36
C GLN A 235 -27.27 -13.27 -5.68
N ILE A 236 -26.02 -13.05 -5.24
CA ILE A 236 -25.26 -11.85 -5.62
C ILE A 236 -25.13 -11.66 -7.14
N MET A 237 -24.79 -12.73 -7.86
CA MET A 237 -24.85 -12.61 -9.31
C MET A 237 -26.25 -12.11 -9.76
N ASN A 238 -27.33 -12.78 -9.35
CA ASN A 238 -28.62 -12.34 -9.90
C ASN A 238 -28.93 -10.91 -9.48
N HIS A 239 -28.48 -10.54 -8.28
CA HIS A 239 -28.60 -9.17 -7.82
C HIS A 239 -27.89 -8.15 -8.71
N CYS A 240 -26.67 -8.47 -9.17
CA CYS A 240 -25.95 -7.68 -10.21
C CYS A 240 -26.69 -7.60 -11.54
N TRP A 241 -27.59 -8.58 -11.72
CA TRP A 241 -28.37 -8.65 -12.96
C TRP A 241 -29.84 -8.23 -12.78
N LYS A 242 -30.16 -7.37 -11.81
CA LYS A 242 -31.48 -6.75 -11.93
C LYS A 242 -31.63 -5.95 -13.26
N GLU A 243 -32.86 -5.69 -13.65
CA GLU A 243 -33.14 -5.13 -14.96
C GLU A 243 -32.89 -3.62 -14.98
N ARG A 244 -33.32 -3.00 -13.89
CA ARG A 244 -33.18 -1.57 -13.65
C ARG A 244 -31.93 -1.37 -12.79
N PRO A 245 -30.96 -0.56 -13.29
CA PRO A 245 -29.73 -0.23 -12.55
C PRO A 245 -29.98 0.26 -11.12
N GLU A 246 -30.96 1.14 -10.91
CA GLU A 246 -31.26 1.62 -9.55
C GLU A 246 -31.58 0.46 -8.65
N ASP A 247 -31.95 -0.68 -9.25
CA ASP A 247 -32.15 -1.92 -8.46
C ASP A 247 -30.85 -2.70 -8.14
N ARG A 248 -29.80 -2.56 -8.96
CA ARG A 248 -28.51 -3.24 -8.69
C ARG A 248 -27.73 -2.67 -7.47
N PRO A 249 -26.99 -3.51 -6.71
CA PRO A 249 -26.16 -2.89 -5.68
C PRO A 249 -24.89 -2.21 -6.27
N ALA A 250 -24.32 -1.32 -5.47
CA ALA A 250 -23.20 -0.51 -5.83
C ALA A 250 -22.00 -1.32 -5.41
N PHE A 251 -20.87 -1.08 -6.10
CA PHE A 251 -19.63 -1.76 -5.76
C PHE A 251 -19.31 -1.70 -4.28
N SER A 252 -19.57 -0.54 -3.63
CA SER A 252 -19.22 -0.42 -2.20
C SER A 252 -19.93 -1.42 -1.34
N ARG A 253 -21.17 -1.74 -1.73
CA ARG A 253 -21.99 -2.71 -1.01
C ARG A 253 -21.60 -4.12 -1.38
N LEU A 254 -21.29 -4.33 -2.66
CA LEU A 254 -20.89 -5.64 -3.13
C LEU A 254 -19.64 -6.07 -2.41
N LEU A 255 -18.70 -5.12 -2.31
CA LEU A 255 -17.44 -5.31 -1.64
C LEU A 255 -17.63 -5.75 -0.19
N ARG A 256 -18.39 -4.99 0.61
CA ARG A 256 -18.67 -5.47 1.97
C ARG A 256 -19.33 -6.85 2.04
N GLN A 257 -20.15 -7.19 1.05
CA GLN A 257 -20.77 -8.49 1.08
C GLN A 257 -19.78 -9.58 0.66
N LEU A 258 -19.08 -9.38 -0.46
CA LEU A 258 -18.01 -10.30 -0.82
C LEU A 258 -16.93 -10.46 0.31
N ALA A 259 -16.38 -9.36 0.86
CA ALA A 259 -15.41 -9.47 1.99
C ALA A 259 -16.00 -10.24 3.13
N GLU A 260 -17.25 -9.98 3.53
CA GLU A 260 -17.82 -10.76 4.65
C GLU A 260 -17.74 -12.29 4.43
N ILE A 261 -18.11 -12.76 3.23
CA ILE A 261 -18.27 -14.17 2.94
C ILE A 261 -16.92 -14.84 3.02
N ALA A 262 -15.90 -14.08 2.61
CA ALA A 262 -14.56 -14.61 2.54
C ALA A 262 -13.98 -14.73 3.94
N GLU A 263 -14.25 -13.75 4.81
CA GLU A 263 -13.70 -13.72 6.15
C GLU A 263 -14.35 -14.75 7.06
N SER A 264 -15.60 -15.12 6.79
CA SER A 264 -16.30 -16.14 7.57
C SER A 264 -16.22 -17.53 6.91
N GLY A 265 -16.58 -18.56 7.68
CA GLY A 265 -16.60 -19.94 7.17
C GLY A 265 -16.78 -21.00 8.24
N GLY B 1 1.96 12.78 -18.22
CA GLY B 1 2.01 13.21 -16.79
C GLY B 1 3.43 13.23 -16.26
N SER B 2 4.04 12.06 -16.24
N SER B 2 4.04 12.05 -16.22
CA SER B 2 5.45 11.94 -15.90
CA SER B 2 5.46 11.94 -15.88
C SER B 2 6.16 11.14 -16.98
C SER B 2 6.17 11.15 -16.97
N VAL B 3 6.49 11.87 -18.04
CA VAL B 3 7.18 11.37 -19.24
C VAL B 3 8.39 10.47 -18.94
N ILE B 4 8.53 9.42 -19.74
CA ILE B 4 9.63 8.47 -19.61
C ILE B 4 10.52 8.52 -20.84
N ASP B 5 11.80 8.72 -20.57
CA ASP B 5 12.80 8.84 -21.60
C ASP B 5 12.99 7.45 -22.16
N PRO B 6 12.76 7.30 -23.49
CA PRO B 6 12.87 6.02 -24.21
C PRO B 6 14.19 5.35 -23.93
N SER B 7 15.21 6.16 -23.69
CA SER B 7 16.53 5.60 -23.42
C SER B 7 16.50 4.76 -22.14
N GLU B 8 15.45 4.89 -21.33
CA GLU B 8 15.39 4.11 -20.09
C GLU B 8 14.56 2.84 -20.25
N LEU B 9 13.90 2.69 -21.40
CA LEU B 9 13.11 1.50 -21.74
C LEU B 9 13.86 0.55 -22.63
N THR B 10 13.72 -0.75 -22.32
CA THR B 10 14.39 -1.86 -22.94
C THR B 10 13.34 -2.92 -23.30
N PHE B 11 12.72 -2.78 -24.49
CA PHE B 11 11.84 -3.82 -25.05
C PHE B 11 12.46 -5.21 -24.97
N VAL B 12 11.73 -6.16 -24.40
CA VAL B 12 12.22 -7.55 -24.37
C VAL B 12 11.46 -8.46 -25.32
N GLN B 13 10.13 -8.37 -25.41
CA GLN B 13 9.40 -9.13 -26.43
C GLN B 13 7.93 -8.79 -26.54
N GLU B 14 7.39 -8.99 -27.74
CA GLU B 14 5.96 -8.99 -28.01
C GLU B 14 5.26 -9.99 -27.07
N ILE B 15 4.12 -9.57 -26.48
CA ILE B 15 3.38 -10.43 -25.56
C ILE B 15 1.88 -10.44 -25.84
N GLY B 16 1.43 -9.60 -26.79
CA GLY B 16 0.04 -9.57 -27.24
C GLY B 16 -0.29 -8.47 -28.24
N SER B 17 -1.57 -8.30 -28.57
CA SER B 17 -2.00 -7.30 -29.56
C SER B 17 -3.18 -6.44 -29.07
N GLY B 18 -3.16 -5.14 -29.41
CA GLY B 18 -4.23 -4.21 -29.00
C GLY B 18 -5.15 -3.77 -30.14
N GLN B 19 -5.61 -2.52 -30.09
CA GLN B 19 -6.37 -1.89 -31.20
C GLN B 19 -5.36 -1.32 -32.22
N PHE B 20 -5.09 -0.01 -32.16
CA PHE B 20 -3.92 0.57 -32.81
C PHE B 20 -2.74 0.16 -31.93
N GLY B 21 -2.87 -1.01 -31.30
CA GLY B 21 -2.06 -1.42 -30.17
C GLY B 21 -0.69 -2.03 -30.40
N LEU B 22 -0.53 -3.31 -29.99
CA LEU B 22 0.79 -3.96 -29.84
C LEU B 22 1.37 -3.83 -28.39
N VAL B 23 1.50 -4.95 -27.68
CA VAL B 23 2.03 -4.91 -26.33
C VAL B 23 3.27 -5.74 -26.20
N HIS B 24 4.24 -5.20 -25.48
CA HIS B 24 5.51 -5.90 -25.17
C HIS B 24 5.80 -5.93 -23.68
N LEU B 25 6.53 -6.96 -23.28
CA LEU B 25 7.25 -6.99 -22.02
C LEU B 25 8.50 -6.14 -22.19
N GLY B 26 8.93 -5.49 -21.13
CA GLY B 26 10.10 -4.64 -21.22
C GLY B 26 10.75 -4.51 -19.86
N TYR B 27 11.87 -3.80 -19.82
CA TYR B 27 12.48 -3.40 -18.57
C TYR B 27 12.58 -1.90 -18.58
N TRP B 28 12.53 -1.32 -17.40
CA TRP B 28 12.57 0.13 -17.25
C TRP B 28 13.65 0.42 -16.22
N LEU B 29 14.74 1.04 -16.64
CA LEU B 29 15.81 1.43 -15.71
C LEU B 29 15.54 2.83 -15.18
N ASN B 30 14.91 2.88 -14.01
CA ASN B 30 14.71 4.15 -13.31
C ASN B 30 15.71 4.26 -12.17
N LYS B 31 16.16 5.49 -11.92
CA LYS B 31 17.07 5.75 -10.83
C LYS B 31 16.37 6.41 -9.63
N ASP B 32 15.69 5.54 -8.90
CA ASP B 32 15.15 5.75 -7.56
C ASP B 32 16.12 6.33 -6.56
N LYS B 33 15.69 7.36 -5.83
CA LYS B 33 16.37 7.76 -4.56
C LYS B 33 16.25 6.68 -3.50
N VAL B 34 17.37 6.42 -2.86
CA VAL B 34 17.44 5.51 -1.75
C VAL B 34 18.32 6.18 -0.74
N ALA B 35 18.51 5.50 0.37
CA ALA B 35 19.27 6.00 1.45
C ALA B 35 20.09 4.79 1.77
N ILE B 36 21.37 5.04 2.01
CA ILE B 36 22.29 3.92 2.16
C ILE B 36 23.01 4.06 3.47
N LYS B 37 22.78 3.05 4.32
CA LYS B 37 23.38 2.95 5.63
C LYS B 37 24.62 2.06 5.56
N THR B 38 25.77 2.67 5.75
CA THR B 38 27.05 1.97 5.91
C THR B 38 26.97 1.22 7.22
N ILE B 39 27.61 0.06 7.28
CA ILE B 39 27.83 -0.64 8.55
C ILE B 39 29.32 -0.84 8.83
N GLU B 46 29.70 -8.52 12.10
CA GLU B 46 29.51 -9.82 12.75
C GLU B 46 29.04 -10.85 11.75
N GLU B 47 28.84 -10.42 10.50
CA GLU B 47 28.42 -11.28 9.38
C GLU B 47 27.20 -12.22 9.68
N ASP B 48 26.79 -12.22 10.96
CA ASP B 48 25.55 -12.81 11.46
C ASP B 48 24.42 -11.87 11.06
N PHE B 49 24.79 -10.58 11.01
CA PHE B 49 24.02 -9.51 10.41
C PHE B 49 23.24 -9.85 9.14
N ILE B 50 23.70 -10.85 8.38
CA ILE B 50 22.97 -11.28 7.19
C ILE B 50 21.54 -11.76 7.55
N GLU B 51 21.37 -12.41 8.70
CA GLU B 51 20.04 -12.90 9.13
C GLU B 51 19.13 -11.81 9.72
N GLU B 52 19.74 -10.80 10.35
CA GLU B 52 19.05 -9.57 10.79
C GLU B 52 18.25 -8.92 9.63
N ALA B 53 18.82 -8.91 8.42
CA ALA B 53 18.22 -8.27 7.25
C ALA B 53 17.00 -9.00 6.70
N GLU B 54 17.01 -10.32 6.78
CA GLU B 54 15.86 -11.12 6.32
C GLU B 54 14.63 -10.90 7.20
N VAL B 55 14.84 -10.73 8.51
CA VAL B 55 13.77 -10.25 9.39
C VAL B 55 13.23 -8.92 8.87
N MET B 56 14.11 -7.93 8.73
CA MET B 56 13.68 -6.62 8.25
C MET B 56 13.05 -6.71 6.85
N MET B 57 13.59 -7.58 5.98
CA MET B 57 13.08 -7.74 4.60
C MET B 57 11.56 -7.93 4.55
N LYS B 58 11.07 -8.78 5.44
CA LYS B 58 9.67 -9.18 5.43
C LYS B 58 8.78 -8.38 6.38
N LEU B 59 9.36 -7.37 7.03
CA LEU B 59 8.57 -6.46 7.87
C LEU B 59 8.14 -5.26 7.06
N SER B 60 7.03 -5.38 6.36
CA SER B 60 6.57 -4.31 5.51
C SER B 60 5.26 -3.65 6.02
N HIS B 61 5.29 -2.33 6.17
CA HIS B 61 4.13 -1.56 6.64
C HIS B 61 4.21 -0.13 6.09
N PRO B 62 3.07 0.46 5.73
CA PRO B 62 3.21 1.85 5.20
C PRO B 62 3.91 2.91 6.11
N LYS B 63 4.08 2.59 7.40
CA LYS B 63 4.69 3.52 8.39
C LYS B 63 5.99 2.96 8.99
N LEU B 64 6.51 1.92 8.39
CA LEU B 64 7.88 1.55 8.73
C LEU B 64 8.77 1.86 7.55
N VAL B 65 9.91 2.44 7.83
CA VAL B 65 10.91 2.63 6.76
C VAL B 65 11.18 1.32 6.06
N GLN B 66 10.94 1.30 4.76
CA GLN B 66 11.14 0.08 3.95
C GLN B 66 12.65 -0.34 3.70
N LEU B 67 13.07 -1.51 4.20
CA LEU B 67 14.37 -2.09 3.77
C LEU B 67 14.31 -2.68 2.36
N TYR B 68 15.03 -2.05 1.43
CA TYR B 68 15.05 -2.48 0.03
C TYR B 68 16.01 -3.66 -0.30
N GLY B 69 17.13 -3.73 0.43
CA GLY B 69 18.08 -4.81 0.28
C GLY B 69 19.44 -4.45 0.84
N VAL B 70 20.33 -5.43 0.76
CA VAL B 70 21.70 -5.34 1.24
C VAL B 70 22.70 -5.46 0.08
N CYS B 71 23.89 -4.94 0.28
CA CYS B 71 24.90 -4.93 -0.77
C CYS B 71 26.23 -5.16 -0.07
N LEU B 72 26.79 -6.37 -0.22
CA LEU B 72 27.73 -6.92 0.78
C LEU B 72 28.96 -7.74 0.37
N GLU B 73 29.77 -7.27 -0.58
CA GLU B 73 31.08 -7.93 -0.81
C GLU B 73 32.22 -6.94 -1.11
N GLN B 74 31.86 -5.79 -1.70
CA GLN B 74 32.70 -4.59 -1.73
C GLN B 74 32.89 -4.14 -0.26
N ALA B 75 34.11 -3.69 0.08
CA ALA B 75 34.50 -3.61 1.50
C ALA B 75 33.45 -3.19 2.55
N PRO B 76 33.13 -1.88 2.74
CA PRO B 76 32.18 -1.57 3.84
C PRO B 76 30.73 -1.99 3.52
N ILE B 77 30.16 -2.89 4.32
CA ILE B 77 28.86 -3.53 4.00
C ILE B 77 27.69 -2.51 3.90
N CYS B 78 26.58 -2.89 3.25
CA CYS B 78 25.51 -1.92 2.96
C CYS B 78 24.09 -2.32 3.28
N LEU B 79 23.29 -1.35 3.75
CA LEU B 79 21.85 -1.47 3.79
C LEU B 79 21.22 -0.45 2.84
N VAL B 80 20.21 -0.88 2.09
CA VAL B 80 19.58 0.04 1.18
C VAL B 80 18.11 0.22 1.57
N PHE B 81 17.71 1.47 1.78
CA PHE B 81 16.43 1.82 2.37
C PHE B 81 15.66 2.80 1.55
N GLU B 82 14.41 2.90 1.93
CA GLU B 82 13.55 3.98 1.55
C GLU B 82 14.27 5.29 1.73
N PHE B 83 14.19 6.16 0.72
CA PHE B 83 14.64 7.51 0.95
C PHE B 83 13.50 8.36 1.47
N MET B 84 13.75 9.00 2.62
CA MET B 84 12.77 9.85 3.27
C MET B 84 13.14 11.32 3.14
N GLU B 85 12.34 12.00 2.34
CA GLU B 85 12.67 13.31 1.81
C GLU B 85 13.10 14.36 2.82
N HIS B 86 12.46 14.38 3.98
CA HIS B 86 12.54 15.54 4.90
C HIS B 86 13.36 15.31 6.15
N GLY B 87 14.12 14.24 6.19
CA GLY B 87 14.99 14.00 7.36
C GLY B 87 14.28 13.51 8.59
N CYS B 88 14.94 13.65 9.75
CA CYS B 88 14.50 13.11 11.01
C CYS B 88 13.46 14.00 11.69
N LEU B 89 12.57 13.36 12.41
CA LEU B 89 11.45 14.05 13.02
C LEU B 89 11.89 15.16 13.93
N SER B 90 12.82 14.89 14.84
CA SER B 90 13.24 15.95 15.79
C SER B 90 13.71 17.28 15.10
N ASP B 91 14.63 17.18 14.13
CA ASP B 91 15.08 18.37 13.37
C ASP B 91 13.92 19.14 12.79
N TYR B 92 13.09 18.41 12.05
CA TYR B 92 11.89 18.89 11.40
C TYR B 92 10.96 19.58 12.38
N LEU B 93 10.73 18.89 13.50
CA LEU B 93 9.93 19.49 14.56
C LEU B 93 10.56 20.81 14.99
N ARG B 94 11.83 20.82 15.40
CA ARG B 94 12.47 22.06 15.91
C ARG B 94 12.44 23.19 14.92
N THR B 95 12.70 22.87 13.66
CA THR B 95 13.00 23.95 12.73
C THR B 95 11.74 24.54 12.16
N GLN B 96 10.60 23.96 12.53
CA GLN B 96 9.28 24.53 12.21
C GLN B 96 8.48 24.92 13.45
N ARG B 97 9.12 24.84 14.61
CA ARG B 97 8.51 25.19 15.87
C ARG B 97 7.79 26.51 15.73
N GLY B 98 6.59 26.59 16.31
CA GLY B 98 5.74 27.79 16.25
C GLY B 98 4.76 27.78 15.08
N LEU B 99 5.09 27.01 14.05
CA LEU B 99 4.23 26.87 12.88
C LEU B 99 3.13 25.82 12.93
N PHE B 100 3.22 24.81 13.81
CA PHE B 100 2.35 23.59 13.76
C PHE B 100 1.00 23.75 14.44
N ALA B 101 -0.02 23.14 13.83
CA ALA B 101 -1.33 22.97 14.43
C ALA B 101 -1.30 21.66 15.18
N ALA B 102 -2.10 21.57 16.24
CA ALA B 102 -2.22 20.35 17.03
C ALA B 102 -2.57 19.13 16.21
N GLU B 103 -3.50 19.30 15.28
CA GLU B 103 -4.05 18.17 14.55
C GLU B 103 -2.89 17.53 13.80
N THR B 104 -1.95 18.37 13.35
CA THR B 104 -0.79 17.91 12.61
C THR B 104 0.06 17.04 13.53
N LEU B 105 0.37 17.54 14.72
CA LEU B 105 1.14 16.71 15.68
C LEU B 105 0.40 15.44 16.08
N LEU B 106 -0.91 15.56 16.30
CA LEU B 106 -1.65 14.34 16.56
C LEU B 106 -1.39 13.32 15.47
N GLY B 107 -1.57 13.73 14.20
CA GLY B 107 -1.36 12.84 13.02
C GLY B 107 0.02 12.18 12.97
N MET B 108 1.06 12.92 13.37
CA MET B 108 2.43 12.41 13.42
C MET B 108 2.51 11.29 14.47
N CYS B 109 1.80 11.47 15.58
CA CYS B 109 1.84 10.49 16.64
C CYS B 109 1.11 9.24 16.25
N LEU B 110 0.08 9.44 15.43
CA LEU B 110 -0.74 8.37 14.89
C LEU B 110 0.03 7.53 13.85
N ASP B 111 0.73 8.19 12.94
CA ASP B 111 1.64 7.45 12.03
C ASP B 111 2.55 6.50 12.83
N VAL B 112 3.26 7.04 13.82
CA VAL B 112 4.21 6.25 14.62
C VAL B 112 3.48 5.12 15.29
N CYS B 113 2.28 5.37 15.80
CA CYS B 113 1.51 4.31 16.50
C CYS B 113 1.06 3.15 15.64
N GLU B 114 0.68 3.41 14.40
CA GLU B 114 0.40 2.32 13.42
C GLU B 114 1.65 1.50 13.18
N GLY B 115 2.76 2.15 12.90
CA GLY B 115 3.99 1.39 12.68
C GLY B 115 4.31 0.58 13.90
N MET B 116 4.25 1.19 15.08
CA MET B 116 4.53 0.43 16.36
C MET B 116 3.55 -0.71 16.63
N ALA B 117 2.25 -0.53 16.39
CA ALA B 117 1.35 -1.67 16.54
C ALA B 117 1.73 -2.82 15.64
N TYR B 118 2.04 -2.52 14.39
CA TYR B 118 2.57 -3.56 13.48
C TYR B 118 3.82 -4.26 14.07
N LEU B 119 4.84 -3.51 14.53
CA LEU B 119 5.96 -4.14 15.22
C LEU B 119 5.57 -4.96 16.46
N GLU B 120 4.62 -4.50 17.22
CA GLU B 120 4.26 -5.20 18.44
C GLU B 120 3.60 -6.51 18.05
N GLU B 121 2.72 -6.45 17.05
CA GLU B 121 2.07 -7.64 16.59
C GLU B 121 3.06 -8.66 16.01
N ALA B 122 4.06 -8.17 15.28
CA ALA B 122 5.08 -9.03 14.74
C ALA B 122 6.10 -9.46 15.81
N CYS B 123 5.86 -9.10 17.07
CA CYS B 123 6.87 -9.39 18.15
C CYS B 123 8.28 -8.84 17.98
N VAL B 124 8.42 -7.72 17.26
CA VAL B 124 9.72 -7.00 17.19
C VAL B 124 9.71 -5.85 18.22
N ILE B 125 10.79 -5.71 18.97
CA ILE B 125 10.89 -4.68 20.00
C ILE B 125 11.80 -3.65 19.36
N HIS B 126 11.38 -2.38 19.33
CA HIS B 126 12.22 -1.33 18.77
C HIS B 126 13.47 -1.11 19.64
N ARG B 127 13.21 -0.80 20.92
N ARG B 127 13.26 -0.76 20.91
CA ARG B 127 14.20 -0.48 21.94
CA ARG B 127 14.36 -0.59 21.88
C ARG B 127 14.38 1.03 22.04
C ARG B 127 15.01 0.79 21.88
N ASP B 128 14.67 1.63 20.90
CA ASP B 128 15.22 2.99 20.83
C ASP B 128 14.26 3.88 20.06
N LEU B 129 12.99 3.84 20.44
CA LEU B 129 12.01 4.70 19.80
C LEU B 129 12.21 6.12 20.31
N ALA B 130 12.34 7.07 19.37
CA ALA B 130 12.56 8.50 19.66
C ALA B 130 12.34 9.33 18.37
N ALA B 131 11.95 10.59 18.46
CA ALA B 131 11.76 11.42 17.25
C ALA B 131 12.97 11.49 16.26
N ARG B 132 14.20 11.47 16.77
CA ARG B 132 15.41 11.39 15.92
C ARG B 132 15.44 10.09 15.10
N ASN B 133 14.89 9.01 15.67
CA ASN B 133 14.69 7.77 14.91
C ASN B 133 13.46 7.73 14.00
N CYS B 134 12.70 8.79 13.89
CA CYS B 134 11.54 8.74 12.98
C CYS B 134 11.87 9.63 11.84
N LEU B 135 11.30 9.35 10.68
CA LEU B 135 11.70 10.06 9.51
C LEU B 135 10.48 10.59 8.91
N VAL B 136 10.61 11.73 8.25
CA VAL B 136 9.50 12.43 7.62
C VAL B 136 9.61 12.37 6.07
N GLY B 137 8.53 11.98 5.41
CA GLY B 137 8.48 11.82 3.95
C GLY B 137 7.41 12.69 3.27
N GLU B 138 6.83 12.21 2.18
CA GLU B 138 5.84 12.96 1.38
C GLU B 138 4.59 13.29 2.18
N ASN B 139 4.09 14.53 2.05
CA ASN B 139 2.92 15.03 2.80
C ASN B 139 3.05 14.92 4.32
N GLN B 140 4.26 15.13 4.82
CA GLN B 140 4.56 15.00 6.26
C GLN B 140 4.30 13.62 6.91
N VAL B 141 4.13 12.56 6.11
CA VAL B 141 4.03 11.21 6.67
C VAL B 141 5.27 10.83 7.54
N ILE B 142 5.00 10.30 8.74
CA ILE B 142 6.08 9.85 9.63
C ILE B 142 6.24 8.32 9.54
N LYS B 143 7.48 7.85 9.51
CA LYS B 143 7.79 6.40 9.50
C LYS B 143 8.90 6.12 10.53
N VAL B 144 8.81 4.96 11.15
CA VAL B 144 9.69 4.49 12.18
C VAL B 144 10.93 3.92 11.43
N SER B 145 12.14 4.34 11.82
CA SER B 145 13.32 3.67 11.32
C SER B 145 14.11 3.21 12.51
N ASP B 146 15.22 2.51 12.22
CA ASP B 146 16.18 1.96 13.19
C ASP B 146 15.70 0.90 14.16
N PHE B 147 15.03 -0.13 13.64
CA PHE B 147 14.60 -1.29 14.44
C PHE B 147 15.31 -2.52 13.90
N GLY B 148 15.69 -3.44 14.79
CA GLY B 148 16.58 -4.58 14.45
C GLY B 148 18.06 -4.20 14.54
N MET B 149 18.73 -4.57 15.64
CA MET B 149 20.12 -4.13 15.86
C MET B 149 21.13 -5.22 16.31
N THR B 150 21.74 -5.04 17.48
CA THR B 150 22.72 -5.97 18.01
C THR B 150 22.44 -6.33 19.46
N PRO B 167 20.38 5.62 25.40
CA PRO B 167 20.02 6.91 26.01
C PRO B 167 18.78 6.83 26.93
N VAL B 168 18.98 7.18 28.21
CA VAL B 168 18.00 6.99 29.32
C VAL B 168 16.81 7.94 29.38
N LYS B 169 16.81 8.95 28.51
CA LYS B 169 15.66 9.85 28.40
C LYS B 169 14.38 9.14 27.82
N TRP B 170 14.59 8.12 26.96
CA TRP B 170 13.51 7.34 26.33
C TRP B 170 13.32 5.94 27.00
N ALA B 171 14.06 5.65 28.06
CA ALA B 171 14.04 4.30 28.66
C ALA B 171 13.01 4.18 29.81
N SER B 172 12.26 3.08 29.88
CA SER B 172 11.33 2.86 31.00
C SER B 172 12.18 2.38 32.20
N PRO B 173 11.58 2.27 33.41
CA PRO B 173 12.49 1.95 34.53
C PRO B 173 13.17 0.54 34.43
N GLU B 174 12.37 -0.50 34.11
CA GLU B 174 12.94 -1.83 33.76
C GLU B 174 14.15 -1.71 32.83
N VAL B 175 14.11 -0.74 31.92
CA VAL B 175 15.20 -0.70 30.97
C VAL B 175 16.46 0.01 31.54
N PHE B 176 16.27 1.10 32.27
CA PHE B 176 17.47 1.78 32.72
C PHE B 176 18.08 1.04 33.92
N SER B 177 17.22 0.43 34.73
CA SER B 177 17.65 -0.43 35.81
C SER B 177 18.20 -1.81 35.38
N PHE B 178 17.52 -2.46 34.43
CA PHE B 178 17.73 -3.90 34.17
C PHE B 178 17.94 -4.30 32.73
N SER B 179 17.71 -3.37 31.82
CA SER B 179 17.55 -3.68 30.39
C SER B 179 16.55 -4.79 30.09
N ARG B 180 15.37 -4.76 30.72
CA ARG B 180 14.22 -5.65 30.35
C ARG B 180 13.30 -4.97 29.28
N TYR B 181 13.78 -5.06 28.06
CA TYR B 181 13.13 -4.52 26.86
C TYR B 181 11.93 -5.35 26.47
N SER B 182 10.89 -4.69 25.96
CA SER B 182 9.69 -5.37 25.56
C SER B 182 8.84 -4.35 24.84
N SER B 183 7.64 -4.73 24.39
CA SER B 183 6.82 -3.75 23.69
C SER B 183 6.39 -2.66 24.66
N LYS B 184 6.29 -3.04 25.92
CA LYS B 184 5.91 -2.14 27.00
C LYS B 184 6.90 -1.04 27.29
N SER B 185 8.17 -1.31 27.10
CA SER B 185 9.15 -0.23 27.16
C SER B 185 9.18 0.59 25.85
N ASP B 186 8.85 -0.02 24.70
CA ASP B 186 8.69 0.80 23.49
C ASP B 186 7.52 1.76 23.74
N VAL B 187 6.45 1.29 24.44
CA VAL B 187 5.35 2.12 24.79
C VAL B 187 5.78 3.31 25.64
N TRP B 188 6.62 3.06 26.64
CA TRP B 188 7.17 4.18 27.38
C TRP B 188 7.83 5.15 26.40
N SER B 189 8.72 4.68 25.53
CA SER B 189 9.47 5.54 24.64
C SER B 189 8.50 6.36 23.75
N PHE B 190 7.50 5.66 23.24
CA PHE B 190 6.39 6.26 22.57
C PHE B 190 5.78 7.44 23.33
N GLY B 191 5.50 7.24 24.62
CA GLY B 191 4.98 8.33 25.48
C GLY B 191 5.91 9.54 25.47
N VAL B 192 7.21 9.29 25.61
CA VAL B 192 8.23 10.36 25.47
C VAL B 192 8.23 10.96 24.06
N LEU B 193 8.05 10.09 23.04
CA LEU B 193 8.11 10.55 21.67
C LEU B 193 6.97 11.57 21.43
N MET B 194 5.79 11.24 21.98
CA MET B 194 4.61 12.07 21.94
C MET B 194 4.94 13.42 22.53
N TRP B 195 5.58 13.42 23.70
CA TRP B 195 5.99 14.69 24.34
C TRP B 195 6.91 15.44 23.37
N GLU B 196 7.87 14.72 22.80
CA GLU B 196 8.77 15.37 21.80
C GLU B 196 7.97 16.06 20.68
N VAL B 197 6.87 15.44 20.25
CA VAL B 197 6.11 15.95 19.11
C VAL B 197 5.27 17.15 19.54
N PHE B 198 4.51 17.00 20.62
CA PHE B 198 3.64 18.07 21.03
C PHE B 198 4.39 19.27 21.54
N SER B 199 5.60 19.08 22.06
CA SER B 199 6.36 20.22 22.51
C SER B 199 7.22 20.70 21.30
N GLU B 200 6.96 20.13 20.12
CA GLU B 200 7.58 20.64 18.90
C GLU B 200 9.13 20.49 18.91
N GLY B 201 9.64 19.46 19.59
CA GLY B 201 11.06 19.14 19.53
C GLY B 201 11.96 19.52 20.71
N LYS B 202 11.39 19.90 21.84
CA LYS B 202 12.19 20.22 22.99
C LYS B 202 13.01 18.95 23.29
N ILE B 203 13.99 19.07 24.17
CA ILE B 203 14.72 17.96 24.74
C ILE B 203 14.05 17.64 26.08
N PRO B 204 13.65 16.37 26.30
CA PRO B 204 13.00 16.02 27.57
C PRO B 204 14.03 16.04 28.69
N TYR B 205 13.60 16.35 29.91
CA TYR B 205 14.53 16.52 31.03
C TYR B 205 15.76 17.36 30.61
N GLU B 206 15.51 18.52 30.00
CA GLU B 206 16.54 19.25 29.29
C GLU B 206 17.90 19.38 29.99
N ASN B 207 17.90 19.75 31.27
CA ASN B 207 19.16 20.11 31.93
C ASN B 207 19.72 19.01 32.84
N ARG B 208 19.01 17.88 32.89
CA ARG B 208 19.33 16.82 33.83
C ARG B 208 20.24 15.74 33.20
N SER B 209 20.99 15.05 34.06
CA SER B 209 21.92 14.02 33.64
C SER B 209 21.29 12.63 33.79
N ASN B 210 21.94 11.65 33.15
CA ASN B 210 21.52 10.26 33.16
C ASN B 210 21.22 9.75 34.57
N SER B 211 22.04 10.13 35.53
CA SER B 211 21.79 9.75 36.93
C SER B 211 20.55 10.47 37.42
N GLU B 212 20.47 11.76 37.09
CA GLU B 212 19.44 12.65 37.64
C GLU B 212 18.09 12.33 37.05
N VAL B 213 18.09 11.95 35.78
CA VAL B 213 16.81 11.60 35.13
C VAL B 213 16.18 10.36 35.81
N VAL B 214 17.03 9.33 36.03
CA VAL B 214 16.66 8.10 36.75
C VAL B 214 16.08 8.45 38.10
N GLU B 215 16.89 9.14 38.91
CA GLU B 215 16.52 9.59 40.23
C GLU B 215 15.13 10.24 40.18
N ASP B 216 15.03 11.20 39.26
CA ASP B 216 13.81 11.97 39.02
C ASP B 216 12.57 11.12 38.67
N ILE B 217 12.70 10.28 37.64
CA ILE B 217 11.57 9.42 37.25
C ILE B 217 11.22 8.43 38.37
N SER B 218 12.26 7.90 39.00
CA SER B 218 12.16 6.85 40.02
C SER B 218 11.36 7.41 41.18
N THR B 219 11.60 8.70 41.45
CA THR B 219 10.85 9.47 42.47
C THR B 219 9.42 9.85 42.04
N GLY B 220 9.07 9.60 40.78
CA GLY B 220 7.69 9.80 40.30
C GLY B 220 7.49 11.05 39.45
N PHE B 221 8.58 11.77 39.17
CA PHE B 221 8.45 12.90 38.26
C PHE B 221 8.09 12.48 36.79
N ARG B 222 7.01 13.07 36.25
CA ARG B 222 6.63 12.97 34.82
C ARG B 222 6.91 14.27 34.04
N LEU B 223 7.08 14.20 32.72
CA LEU B 223 7.26 15.39 31.91
C LEU B 223 6.01 16.28 31.95
N TYR B 224 6.18 17.59 31.84
CA TYR B 224 4.99 18.46 31.92
C TYR B 224 4.17 18.39 30.64
N LYS B 225 2.90 18.76 30.76
CA LYS B 225 2.01 18.86 29.64
C LYS B 225 2.39 19.96 28.65
N PRO B 226 2.58 19.67 27.34
CA PRO B 226 2.76 20.87 26.46
C PRO B 226 1.42 21.50 26.10
N ARG B 227 1.37 22.80 25.82
CA ARG B 227 0.06 23.44 25.55
C ARG B 227 -0.63 22.91 24.32
N LEU B 228 0.12 22.55 23.30
CA LEU B 228 -0.49 21.99 22.10
C LEU B 228 -1.18 20.62 22.38
N ALA B 229 -0.84 19.94 23.47
CA ALA B 229 -1.50 18.71 23.80
C ALA B 229 -2.73 18.86 24.74
N SER B 230 -3.93 18.57 24.24
CA SER B 230 -5.17 18.50 25.04
C SER B 230 -4.95 17.64 26.27
N THR B 231 -5.84 17.81 27.25
CA THR B 231 -5.66 17.13 28.53
C THR B 231 -5.83 15.63 28.32
N HIS B 232 -6.69 15.30 27.36
CA HIS B 232 -6.97 13.92 26.90
C HIS B 232 -5.70 13.21 26.41
N VAL B 233 -5.08 13.83 25.42
CA VAL B 233 -3.71 13.48 25.02
C VAL B 233 -2.77 13.33 26.23
N TYR B 234 -2.81 14.29 27.19
CA TYR B 234 -1.85 14.26 28.33
C TYR B 234 -2.01 13.01 29.18
N GLN B 235 -3.23 12.50 29.25
CA GLN B 235 -3.55 11.30 30.03
C GLN B 235 -2.89 10.07 29.39
N ILE B 236 -2.94 10.08 28.06
CA ILE B 236 -2.39 9.02 27.25
C ILE B 236 -0.91 9.04 27.46
N MET B 237 -0.31 10.22 27.34
CA MET B 237 1.13 10.26 27.61
C MET B 237 1.40 9.60 28.95
N ASN B 238 0.51 9.83 29.92
CA ASN B 238 0.75 9.39 31.28
C ASN B 238 0.54 7.91 31.42
N HIS B 239 -0.44 7.39 30.72
CA HIS B 239 -0.65 5.97 30.67
C HIS B 239 0.66 5.28 30.09
N CYS B 240 1.20 5.78 28.98
CA CYS B 240 2.51 5.28 28.48
C CYS B 240 3.62 5.30 29.49
N TRP B 241 3.48 6.17 30.51
CA TRP B 241 4.50 6.36 31.57
C TRP B 241 4.34 5.72 32.95
N LYS B 242 3.23 5.04 33.21
CA LYS B 242 3.11 4.15 34.42
C LYS B 242 4.40 3.37 34.67
N GLU B 243 4.74 3.28 35.94
CA GLU B 243 5.95 2.63 36.43
C GLU B 243 6.02 1.15 36.01
N ARG B 244 4.90 0.44 36.09
CA ARG B 244 4.88 -1.00 35.75
C ARG B 244 4.37 -1.33 34.32
N PRO B 245 5.24 -1.93 33.50
CA PRO B 245 4.91 -2.49 32.19
C PRO B 245 3.45 -2.92 32.03
N GLU B 246 2.98 -3.83 32.89
CA GLU B 246 1.59 -4.34 32.82
C GLU B 246 0.51 -3.29 32.93
N ASP B 247 0.91 -2.07 33.32
CA ASP B 247 -0.06 -1.01 33.59
C ASP B 247 -0.29 -0.08 32.41
N ARG B 248 0.72 0.02 31.57
CA ARG B 248 0.67 0.71 30.28
C ARG B 248 -0.23 -0.03 29.28
N PRO B 249 -0.96 0.72 28.42
CA PRO B 249 -1.76 0.12 27.35
C PRO B 249 -0.82 -0.47 26.28
N ALA B 250 -1.39 -1.18 25.32
CA ALA B 250 -0.57 -1.78 24.29
C ALA B 250 -0.80 -0.91 23.09
N PHE B 251 0.14 -0.98 22.14
CA PHE B 251 0.03 -0.26 20.92
C PHE B 251 -1.33 -0.43 20.25
N SER B 252 -1.84 -1.67 20.24
CA SER B 252 -3.18 -1.98 19.63
C SER B 252 -4.28 -1.08 20.21
N ARG B 253 -4.21 -0.88 21.51
CA ARG B 253 -5.16 -0.06 22.22
C ARG B 253 -4.88 1.44 21.95
N LEU B 254 -3.60 1.85 21.99
CA LEU B 254 -3.25 3.25 21.72
C LEU B 254 -3.70 3.71 20.35
N LEU B 255 -3.44 2.86 19.34
CA LEU B 255 -3.92 3.06 17.96
C LEU B 255 -5.40 3.29 17.84
N ARG B 256 -6.24 2.37 18.32
CA ARG B 256 -7.66 2.66 18.39
C ARG B 256 -7.96 4.00 19.07
N GLN B 257 -7.35 4.26 20.24
CA GLN B 257 -7.59 5.52 20.91
C GLN B 257 -7.24 6.76 20.11
N LEU B 258 -5.95 6.86 19.72
CA LEU B 258 -5.48 7.96 18.89
C LEU B 258 -6.24 8.09 17.56
N ALA B 259 -6.53 7.01 16.85
CA ALA B 259 -7.42 7.06 15.65
C ALA B 259 -8.78 7.73 15.94
N GLU B 260 -9.40 7.32 17.04
CA GLU B 260 -10.64 7.96 17.47
C GLU B 260 -10.58 9.50 17.60
N ILE B 261 -9.50 10.03 18.19
CA ILE B 261 -9.38 11.47 18.44
C ILE B 261 -9.15 12.21 17.14
N ALA B 262 -8.41 11.57 16.24
CA ALA B 262 -8.06 12.17 14.99
C ALA B 262 -9.29 12.29 14.08
N GLU B 263 -10.13 11.25 14.09
CA GLU B 263 -11.29 11.21 13.18
C GLU B 263 -12.39 12.14 13.66
N SER B 264 -12.55 12.26 14.98
CA SER B 264 -13.57 13.13 15.51
C SER B 264 -13.09 14.58 15.38
N GLY B 265 -14.03 15.51 15.15
CA GLY B 265 -13.69 16.92 14.92
C GLY B 265 -14.27 17.49 13.64
C1 30T C . 1.68 -11.48 -19.18
C2 30T C . 1.56 -12.44 -20.16
C3 30T C . 0.85 -12.16 -21.32
C4 30T C . 0.25 -10.88 -21.47
N5 30T C . 0.38 -9.96 -20.50
C6 30T C . 1.06 -10.24 -19.37
S7 30T C . 2.29 -13.85 -19.90
C8 30T C . 3.90 -13.74 -19.71
C9 30T C . 4.74 -13.27 -20.73
C10 30T C . 6.11 -13.20 -20.51
C11 30T C . 6.67 -13.62 -19.29
C12 30T C . 5.86 -14.11 -18.29
C13 30T C . 4.48 -14.17 -18.51
O14 30T C . 2.03 -14.70 -21.03
O15 30T C . 1.86 -14.46 -18.66
N16 30T C . -0.46 -10.47 -22.53
N17 30T C . 1.17 -9.28 -18.46
C18 30T C . 0.67 -8.03 -18.68
C19 30T C . -0.08 -7.36 -19.62
C20 30T C . -0.19 -6.11 -19.06
N21 30T C . 0.39 -5.98 -17.89
N22 30T C . 0.94 -7.23 -17.67
C23 30T C . -1.34 -9.30 -22.47
C24 30T C . -2.73 -9.74 -22.02
C25 30T C . -3.70 -8.57 -22.00
C26 30T C . -3.80 -7.81 -23.34
C27 30T C . -2.45 -7.53 -23.99
C28 30T C . -1.46 -8.68 -23.86
O29 30T C . -4.44 -6.55 -23.09
C30 30T C . -0.83 -4.84 -19.42
C31 30T C . -0.90 -3.88 -18.43
C32 30T C . -1.53 -2.69 -18.78
C33 30T C . -2.04 -2.46 -20.08
C34 30T C . -1.92 -3.45 -21.04
C35 30T C . -1.31 -4.68 -20.71
C1 30T D . 16.98 12.98 4.62
C2 30T D . 17.84 13.98 5.10
C3 30T D . 18.73 13.74 6.12
C4 30T D . 18.75 12.47 6.64
N5 30T D . 17.91 11.49 6.20
C6 30T D . 17.01 11.71 5.21
S7 30T D . 17.87 15.46 4.56
C8 30T D . 18.15 15.56 2.96
C9 30T D . 17.14 15.98 2.06
C10 30T D . 17.35 16.07 0.67
C11 30T D . 18.60 15.75 0.15
C12 30T D . 19.62 15.32 1.02
C13 30T D . 19.40 15.24 2.41
O14 30T D . 18.91 16.12 5.32
O15 30T D . 16.60 16.07 4.87
N16 30T D . 19.62 12.21 7.61
N17 30T D . 16.18 10.69 4.80
C18 30T D . 16.37 9.39 5.18
C19 30T D . 17.10 8.79 6.22
C20 30T D . 16.86 7.44 6.07
N21 30T D . 16.05 7.18 4.99
N22 30T D . 15.71 8.46 4.41
C23 30T D . 19.47 10.97 8.29
C24 30T D . 20.84 10.38 8.48
C25 30T D . 20.66 9.08 9.24
C26 30T D . 20.24 9.40 10.64
C27 30T D . 18.86 10.02 10.58
C28 30T D . 18.80 11.23 9.64
O29 30T D . 20.16 8.14 11.30
C30 30T D . 17.36 6.25 6.81
C31 30T D . 16.76 5.02 6.66
C32 30T D . 17.30 3.92 7.39
C33 30T D . 18.45 4.03 8.19
C34 30T D . 19.05 5.26 8.30
C35 30T D . 18.49 6.36 7.61
#